data_4QPL
#
_entry.id   4QPL
#
_cell.length_a   133.665
_cell.length_b   61.688
_cell.length_c   94.346
_cell.angle_alpha   90.000
_cell.angle_beta   90.000
_cell.angle_gamma   90.000
#
_symmetry.space_group_name_H-M   'P 21 21 2'
#
loop_
_entity.id
_entity.type
_entity.pdbx_description
1 polymer 'E3 ubiquitin-protein ligase RNF146'
2 polymer 'Ubiquitin-conjugating enzyme E2 D1'
3 non-polymer "2'-O-(5-O-phosphono-alpha-D-ribofuranosyl)adenosine 5'-(dihydrogen phosphate)"
4 non-polymer 'ZINC ION'
5 water water
#
loop_
_entity_poly.entity_id
_entity_poly.type
_entity_poly.pdbx_seq_one_letter_code
_entity_poly.pdbx_strand_id
1 'polypeptide(L)'
;GSLTVPECAICLQTCVHPVSLPCKHVFCYLCVKGASWLGKRCALCRQEIPEDFLDKPTLLSPEELKAASRGNGEYAWYYE
GRNGWWQYDERTSRELEDAFSKGKKNTEMLIAGFLYVADLENMVQYRRNEHGRRRKIKRDIIDIPKKGVAGLRLD
;
A,C
2 'polypeptide(L)'
;HHHHHHAMALKRIQKELSDLQRDPPAHCSAGPVGDDLFHWQATIMGPPDSAYQGGVFFLTVHFPTDYPFKPPKIAFTTKI
YHPNINSNGSICLDILRSQWSPALTVSKVLLSICSLLCDPNPDDPLVPDIAQIYKSDKEKYNRHAREWTQKYAM
;
B,D
#
loop_
_chem_comp.id
_chem_comp.type
_chem_comp.name
_chem_comp.formula
V3L RNA linking '2'-O-(5-O-phosphono-alpha-D-ribofuranosyl)adenosine 5'-(dihydrogen phosphate)' 'C15 H23 N5 O14 P2'
ZN non-polymer 'ZINC ION' 'Zn 2'
#
# COMPACT_ATOMS: atom_id res chain seq x y z
N SER A 2 22.40 -20.69 -24.66
CA SER A 2 22.71 -19.98 -23.38
C SER A 2 24.10 -20.32 -22.82
N LEU A 3 24.94 -19.30 -22.65
CA LEU A 3 26.26 -19.44 -22.00
C LEU A 3 26.13 -19.84 -20.53
N THR A 4 25.01 -19.47 -19.90
CA THR A 4 24.78 -19.78 -18.49
C THR A 4 24.05 -21.12 -18.36
N VAL A 5 24.14 -21.73 -17.18
CA VAL A 5 23.44 -22.97 -16.89
C VAL A 5 21.94 -22.66 -16.67
N PRO A 6 21.04 -23.45 -17.28
CA PRO A 6 19.62 -23.12 -17.17
C PRO A 6 19.10 -23.19 -15.73
N GLU A 7 18.07 -22.39 -15.46
CA GLU A 7 17.45 -22.37 -14.15
C GLU A 7 16.41 -23.48 -14.10
N CYS A 8 16.30 -24.13 -12.95
CA CYS A 8 15.33 -25.21 -12.74
C CYS A 8 13.99 -24.64 -12.27
N ALA A 9 12.90 -25.01 -12.96
CA ALA A 9 11.57 -24.48 -12.63
C ALA A 9 10.96 -25.12 -11.37
N ILE A 10 11.55 -26.21 -10.87
CA ILE A 10 11.11 -26.79 -9.62
C ILE A 10 11.66 -26.00 -8.43
N CYS A 11 12.99 -25.94 -8.29
CA CYS A 11 13.61 -25.33 -7.10
C CYS A 11 13.92 -23.83 -7.26
N LEU A 12 13.86 -23.32 -8.49
CA LEU A 12 14.18 -21.94 -8.85
C LEU A 12 15.66 -21.58 -8.73
N GLN A 13 16.52 -22.58 -8.67
CA GLN A 13 17.95 -22.33 -8.63
C GLN A 13 18.57 -22.71 -9.98
N THR A 14 19.84 -22.36 -10.16
CA THR A 14 20.60 -22.85 -11.28
C THR A 14 20.60 -24.39 -11.21
N CYS A 15 20.32 -25.06 -12.33
CA CYS A 15 20.28 -26.52 -12.36
C CYS A 15 21.61 -27.11 -11.92
N VAL A 16 21.54 -28.12 -11.07
CA VAL A 16 22.70 -28.95 -10.72
C VAL A 16 22.45 -30.32 -11.31
N HIS A 17 23.42 -30.81 -12.09
CA HIS A 17 23.27 -32.02 -12.91
C HIS A 17 21.97 -31.96 -13.67
N PRO A 18 21.86 -30.96 -14.57
CA PRO A 18 20.65 -30.80 -15.35
C PRO A 18 20.40 -32.00 -16.22
N VAL A 19 19.16 -32.47 -16.21
CA VAL A 19 18.75 -33.57 -17.08
C VAL A 19 17.64 -33.09 -17.98
N SER A 20 17.60 -33.67 -19.17
CA SER A 20 16.68 -33.28 -20.21
C SER A 20 15.64 -34.37 -20.37
N LEU A 21 14.37 -34.01 -20.24
CA LEU A 21 13.28 -34.96 -20.42
C LEU A 21 13.01 -35.08 -21.92
N PRO A 22 12.25 -36.11 -22.35
CA PRO A 22 11.89 -36.26 -23.77
C PRO A 22 11.21 -35.02 -24.37
N CYS A 23 10.41 -34.34 -23.55
CA CYS A 23 9.78 -33.09 -23.96
C CYS A 23 10.76 -31.90 -24.04
N LYS A 24 11.99 -32.14 -23.57
CA LYS A 24 13.12 -31.21 -23.66
C LYS A 24 13.15 -30.14 -22.58
N HIS A 25 12.31 -30.30 -21.57
CA HIS A 25 12.44 -29.48 -20.40
C HIS A 25 13.58 -29.98 -19.56
N VAL A 26 14.23 -29.04 -18.89
CA VAL A 26 15.42 -29.34 -18.11
C VAL A 26 15.18 -29.05 -16.63
N PHE A 27 15.62 -29.97 -15.77
CA PHE A 27 15.58 -29.77 -14.31
C PHE A 27 16.82 -30.36 -13.65
N CYS A 28 17.09 -29.98 -12.40
CA CYS A 28 18.11 -30.69 -11.60
C CYS A 28 17.73 -32.20 -11.60
N TYR A 29 18.72 -33.08 -11.67
CA TYR A 29 18.47 -34.51 -11.52
C TYR A 29 17.73 -34.80 -10.18
N LEU A 30 18.22 -34.23 -9.10
CA LEU A 30 17.66 -34.50 -7.77
C LEU A 30 16.26 -33.91 -7.53
N CYS A 31 15.92 -32.84 -8.23
CA CYS A 31 14.56 -32.32 -8.22
C CYS A 31 13.60 -33.27 -8.98
N VAL A 32 14.05 -33.79 -10.11
CA VAL A 32 13.30 -34.84 -10.81
C VAL A 32 13.12 -36.10 -9.92
N LYS A 33 14.19 -36.53 -9.27
CA LYS A 33 14.13 -37.66 -8.37
C LYS A 33 13.16 -37.43 -7.20
N GLY A 34 13.23 -36.25 -6.60
CA GLY A 34 12.34 -35.89 -5.52
C GLY A 34 10.88 -35.83 -5.92
N ALA A 35 10.62 -35.31 -7.12
CA ALA A 35 9.25 -35.27 -7.63
C ALA A 35 8.71 -36.66 -8.03
N SER A 36 9.62 -37.61 -8.26
CA SER A 36 9.22 -38.97 -8.62
C SER A 36 8.55 -39.67 -7.46
N TRP A 37 8.87 -39.31 -6.22
CA TRP A 37 8.24 -39.94 -5.08
C TRP A 37 6.75 -39.64 -5.08
N LEU A 38 6.36 -38.49 -5.62
CA LEU A 38 4.97 -38.08 -5.72
C LEU A 38 4.32 -38.51 -7.03
N GLY A 39 5.09 -39.14 -7.92
CA GLY A 39 4.56 -39.71 -9.16
C GLY A 39 4.32 -38.67 -10.23
N LYS A 40 5.12 -37.62 -10.23
CA LYS A 40 4.87 -36.46 -11.09
C LYS A 40 5.34 -36.71 -12.52
N ARG A 41 4.70 -35.98 -13.41
CA ARG A 41 5.09 -35.93 -14.80
C ARG A 41 5.96 -34.68 -14.92
N CYS A 42 6.28 -34.25 -16.13
CA CYS A 42 7.04 -33.03 -16.29
C CYS A 42 6.31 -31.88 -15.61
N ALA A 43 7.02 -31.19 -14.72
CA ALA A 43 6.44 -30.09 -13.99
C ALA A 43 5.97 -28.96 -14.92
N LEU A 44 6.62 -28.79 -16.06
CA LEU A 44 6.28 -27.71 -16.99
C LEU A 44 5.18 -28.03 -18.01
N CYS A 45 5.14 -29.25 -18.56
CA CYS A 45 4.17 -29.54 -19.64
C CYS A 45 3.30 -30.80 -19.42
N ARG A 46 3.49 -31.48 -18.30
CA ARG A 46 2.71 -32.68 -17.92
C ARG A 46 2.92 -33.90 -18.79
N GLN A 47 3.92 -33.91 -19.67
CA GLN A 47 4.19 -35.09 -20.48
C GLN A 47 4.98 -36.13 -19.67
N GLU A 48 4.95 -37.37 -20.12
CA GLU A 48 5.43 -38.47 -19.32
C GLU A 48 6.95 -38.44 -19.12
N ILE A 49 7.37 -38.86 -17.93
CA ILE A 49 8.78 -39.13 -17.65
C ILE A 49 8.98 -40.65 -17.75
N PRO A 50 9.88 -41.10 -18.65
CA PRO A 50 10.12 -42.55 -18.76
C PRO A 50 10.31 -43.27 -17.42
N GLU A 51 9.71 -44.45 -17.32
CA GLU A 51 9.82 -45.34 -16.17
C GLU A 51 11.25 -45.54 -15.65
N ASP A 52 12.21 -45.65 -16.57
CA ASP A 52 13.61 -45.92 -16.19
C ASP A 52 14.50 -44.67 -16.15
N PHE A 53 13.88 -43.50 -16.04
CA PHE A 53 14.61 -42.25 -16.20
C PHE A 53 15.66 -42.04 -15.13
N LEU A 54 15.34 -42.38 -13.88
CA LEU A 54 16.28 -42.17 -12.79
C LEU A 54 17.53 -43.06 -12.91
N ASP A 55 17.36 -44.25 -13.47
CA ASP A 55 18.48 -45.17 -13.69
C ASP A 55 19.28 -44.81 -14.94
N LYS A 56 18.61 -44.31 -15.98
CA LYS A 56 19.29 -43.90 -17.21
C LYS A 56 18.83 -42.52 -17.66
N PRO A 57 19.16 -41.47 -16.89
CA PRO A 57 18.75 -40.11 -17.27
C PRO A 57 19.50 -39.62 -18.50
N THR A 58 18.90 -38.70 -19.23
CA THR A 58 19.58 -38.02 -20.31
C THR A 58 20.16 -36.73 -19.72
N LEU A 59 21.48 -36.67 -19.61
CA LEU A 59 22.15 -35.51 -19.02
C LEU A 59 22.23 -34.40 -20.05
N LEU A 60 22.00 -33.16 -19.63
CA LEU A 60 22.11 -32.02 -20.53
C LEU A 60 23.57 -31.87 -21.00
N SER A 61 24.52 -32.07 -20.09
CA SER A 61 25.94 -32.04 -20.42
C SER A 61 26.70 -33.14 -19.66
N PRO A 62 26.84 -34.33 -20.29
CA PRO A 62 27.55 -35.47 -19.66
C PRO A 62 29.01 -35.14 -19.34
N GLU A 63 29.67 -34.43 -20.24
CA GLU A 63 31.02 -33.91 -20.02
C GLU A 63 31.18 -33.12 -18.71
N GLU A 64 30.12 -32.41 -18.31
CA GLU A 64 30.16 -31.60 -17.09
C GLU A 64 30.03 -32.45 -15.82
N LEU A 65 29.46 -33.64 -15.95
CA LEU A 65 29.45 -34.60 -14.85
C LEU A 65 30.86 -35.12 -14.62
N LYS A 66 31.50 -35.57 -15.69
CA LYS A 66 32.89 -36.01 -15.63
C LYS A 66 33.77 -34.91 -15.02
N ALA A 67 33.49 -33.66 -15.35
CA ALA A 67 34.23 -32.51 -14.79
C ALA A 67 33.93 -32.28 -13.31
N ALA A 68 32.67 -32.46 -12.91
CA ALA A 68 32.28 -32.38 -11.48
C ALA A 68 33.01 -33.41 -10.62
N SER A 69 33.16 -34.63 -11.15
CA SER A 69 33.84 -35.71 -10.46
C SER A 69 35.37 -35.58 -10.48
N ARG A 70 35.88 -34.47 -11.03
CA ARG A 70 37.28 -34.07 -10.91
C ARG A 70 37.47 -32.54 -10.76
N GLY A 71 36.40 -31.82 -10.41
CA GLY A 71 36.31 -30.37 -10.67
C GLY A 71 36.64 -29.41 -9.55
N ASN A 72 36.29 -29.76 -8.32
CA ASN A 72 36.52 -28.88 -7.15
C ASN A 72 37.96 -28.92 -6.58
N GLY A 73 38.92 -29.35 -7.40
CA GLY A 73 40.35 -29.18 -7.09
C GLY A 73 40.93 -30.07 -6.01
N GLU A 74 40.80 -29.64 -4.76
CA GLU A 74 41.49 -30.24 -3.62
C GLU A 74 40.67 -31.33 -2.92
N TYR A 75 39.40 -31.04 -2.66
CA TYR A 75 38.57 -31.84 -1.75
C TYR A 75 37.14 -32.01 -2.27
N ALA A 76 36.45 -33.00 -1.72
CA ALA A 76 35.05 -33.29 -2.05
C ALA A 76 34.40 -34.01 -0.88
N TRP A 77 33.08 -34.11 -0.93
CA TRP A 77 32.28 -34.78 0.08
C TRP A 77 31.61 -36.02 -0.51
N TYR A 78 31.49 -37.07 0.31
CA TYR A 78 31.02 -38.38 -0.16
C TYR A 78 30.05 -38.96 0.84
N TYR A 79 29.11 -39.73 0.34
CA TYR A 79 28.17 -40.47 1.18
C TYR A 79 28.22 -41.95 0.81
N GLU A 80 27.93 -42.79 1.79
CA GLU A 80 28.11 -44.23 1.70
C GLU A 80 27.12 -44.85 0.71
N GLY A 81 27.63 -45.66 -0.22
CA GLY A 81 26.78 -46.50 -1.08
C GLY A 81 27.06 -47.98 -0.85
N ARG A 82 26.41 -48.86 -1.63
CA ARG A 82 26.69 -50.30 -1.54
C ARG A 82 28.03 -50.56 -2.22
N ASN A 83 28.97 -51.09 -1.46
CA ASN A 83 30.32 -51.37 -1.94
C ASN A 83 31.01 -50.20 -2.66
N GLY A 84 30.90 -48.99 -2.10
CA GLY A 84 31.59 -47.81 -2.62
C GLY A 84 31.01 -46.49 -2.14
N TRP A 85 31.67 -45.40 -2.52
CA TRP A 85 31.26 -44.06 -2.16
C TRP A 85 30.63 -43.34 -3.34
N TRP A 86 29.55 -42.61 -3.05
CA TRP A 86 28.98 -41.63 -3.97
C TRP A 86 29.48 -40.25 -3.58
N GLN A 87 29.80 -39.43 -4.57
CA GLN A 87 30.10 -38.04 -4.33
C GLN A 87 28.81 -37.25 -4.20
N TYR A 88 28.78 -36.34 -3.22
CA TYR A 88 27.67 -35.39 -3.11
C TYR A 88 27.65 -34.48 -4.35
N ASP A 89 26.44 -34.10 -4.74
CA ASP A 89 26.20 -33.02 -5.70
C ASP A 89 26.87 -31.74 -5.23
N GLU A 90 27.23 -30.89 -6.19
CA GLU A 90 28.05 -29.72 -5.90
C GLU A 90 27.41 -28.70 -4.97
N ARG A 91 26.09 -28.56 -5.05
CA ARG A 91 25.36 -27.60 -4.20
C ARG A 91 25.32 -28.06 -2.74
N THR A 92 24.97 -29.32 -2.50
CA THR A 92 25.03 -29.87 -1.14
C THR A 92 26.49 -29.86 -0.62
N SER A 93 27.46 -30.18 -1.48
CA SER A 93 28.87 -30.14 -1.09
C SER A 93 29.30 -28.76 -0.57
N ARG A 94 28.81 -27.69 -1.18
CA ARG A 94 29.13 -26.34 -0.72
C ARG A 94 28.57 -26.05 0.68
N GLU A 95 27.34 -26.52 0.92
CA GLU A 95 26.73 -26.41 2.23
C GLU A 95 27.54 -27.18 3.28
N LEU A 96 27.90 -28.44 2.98
CA LEU A 96 28.72 -29.24 3.91
C LEU A 96 30.06 -28.58 4.20
N GLU A 97 30.72 -28.10 3.15
CA GLU A 97 32.00 -27.44 3.31
C GLU A 97 31.87 -26.19 4.17
N ASP A 98 30.80 -25.42 3.96
CA ASP A 98 30.55 -24.19 4.73
C ASP A 98 30.41 -24.51 6.22
N ALA A 99 29.57 -25.49 6.52
CA ALA A 99 29.28 -25.90 7.88
C ALA A 99 30.54 -26.42 8.55
N PHE A 100 31.23 -27.32 7.85
CA PHE A 100 32.46 -27.90 8.36
C PHE A 100 33.52 -26.83 8.68
N SER A 101 33.71 -25.90 7.74
CA SER A 101 34.71 -24.88 7.85
C SER A 101 34.40 -23.88 8.97
N LYS A 102 33.13 -23.71 9.29
CA LYS A 102 32.71 -22.87 10.41
C LYS A 102 32.66 -23.62 11.76
N GLY A 103 32.92 -24.93 11.76
CA GLY A 103 32.86 -25.73 12.99
C GLY A 103 31.46 -26.08 13.48
N LYS A 104 30.46 -26.06 12.59
CA LYS A 104 29.11 -26.45 12.97
C LYS A 104 29.03 -27.95 13.28
N LYS A 105 28.29 -28.31 14.32
CA LYS A 105 28.15 -29.72 14.67
C LYS A 105 27.27 -30.47 13.66
N ASN A 106 26.35 -29.76 13.02
CA ASN A 106 25.49 -30.34 12.00
C ASN A 106 24.85 -29.28 11.13
N THR A 107 24.17 -29.73 10.08
CA THR A 107 23.43 -28.85 9.20
C THR A 107 22.39 -29.71 8.47
N GLU A 108 21.39 -29.05 7.90
CA GLU A 108 20.32 -29.76 7.20
C GLU A 108 20.44 -29.52 5.71
N MET A 109 20.06 -30.51 4.92
CA MET A 109 20.19 -30.45 3.47
C MET A 109 18.90 -31.02 2.85
N LEU A 110 18.41 -30.39 1.79
CA LEU A 110 17.31 -30.93 1.02
C LEU A 110 17.89 -31.82 -0.05
N ILE A 111 17.52 -33.09 -0.03
CA ILE A 111 18.05 -34.02 -1.02
C ILE A 111 16.90 -34.88 -1.54
N ALA A 112 16.65 -34.72 -2.84
CA ALA A 112 15.59 -35.44 -3.56
C ALA A 112 14.30 -35.52 -2.77
N GLY A 113 13.75 -34.36 -2.42
CA GLY A 113 12.44 -34.30 -1.79
C GLY A 113 12.34 -34.56 -0.29
N PHE A 114 13.45 -34.87 0.37
CA PHE A 114 13.46 -34.98 1.83
C PHE A 114 14.59 -34.22 2.51
N LEU A 115 14.34 -33.81 3.74
CA LEU A 115 15.36 -33.14 4.56
C LEU A 115 16.21 -34.16 5.24
N TYR A 116 17.53 -33.98 5.12
CA TYR A 116 18.53 -34.81 5.76
C TYR A 116 19.29 -33.97 6.79
N VAL A 117 19.70 -34.60 7.88
CA VAL A 117 20.65 -34.00 8.79
C VAL A 117 22.03 -34.54 8.37
N ALA A 118 23.01 -33.66 8.26
CA ALA A 118 24.40 -34.06 8.16
C ALA A 118 24.98 -33.85 9.54
N ASP A 119 25.37 -34.94 10.21
CA ASP A 119 25.91 -34.92 11.55
C ASP A 119 27.42 -34.93 11.39
N LEU A 120 28.01 -33.74 11.51
CA LEU A 120 29.44 -33.55 11.26
C LEU A 120 30.34 -33.98 12.42
N GLU A 121 29.77 -34.25 13.60
CA GLU A 121 30.55 -34.80 14.70
C GLU A 121 30.82 -36.27 14.48
N ASN A 122 29.77 -37.01 14.12
CA ASN A 122 29.85 -38.45 13.89
C ASN A 122 29.97 -38.85 12.43
N MET A 123 29.96 -37.86 11.54
CA MET A 123 30.11 -38.07 10.09
C MET A 123 29.14 -39.12 9.52
N VAL A 124 27.88 -38.82 9.70
CA VAL A 124 26.77 -39.60 9.21
C VAL A 124 25.66 -38.68 8.74
N GLN A 125 24.90 -39.08 7.73
CA GLN A 125 23.71 -38.36 7.32
C GLN A 125 22.52 -39.25 7.50
N TYR A 126 21.38 -38.66 7.80
CA TYR A 126 20.15 -39.40 7.88
C TYR A 126 18.92 -38.55 7.65
N ARG A 127 17.85 -39.18 7.21
CA ARG A 127 16.60 -38.51 6.92
C ARG A 127 16.03 -37.99 8.24
N ARG A 128 15.72 -36.70 8.28
CA ARG A 128 15.37 -36.04 9.53
C ARG A 128 14.15 -36.67 10.18
N ASN A 129 13.20 -37.10 9.35
CA ASN A 129 11.97 -37.74 9.85
C ASN A 129 12.19 -39.13 10.46
N GLU A 130 13.12 -39.89 9.88
CA GLU A 130 13.41 -41.25 10.32
C GLU A 130 14.92 -41.46 10.39
N HIS A 131 15.43 -41.60 11.60
CA HIS A 131 16.88 -41.64 11.85
C HIS A 131 17.55 -42.94 11.39
N GLY A 132 16.75 -43.96 11.10
CA GLY A 132 17.26 -45.25 10.62
C GLY A 132 17.90 -45.25 9.24
N ARG A 133 17.38 -44.44 8.32
CA ARG A 133 18.03 -44.27 7.02
C ARG A 133 19.37 -43.56 7.20
N ARG A 134 20.45 -44.31 7.41
CA ARG A 134 21.76 -43.72 7.72
C ARG A 134 22.83 -44.07 6.70
N ARG A 135 23.64 -43.09 6.36
CA ARG A 135 24.79 -43.27 5.49
C ARG A 135 26.00 -42.53 6.09
N LYS A 136 27.15 -43.21 6.11
CA LYS A 136 28.37 -42.57 6.53
C LYS A 136 28.76 -41.51 5.50
N ILE A 137 29.37 -40.44 5.97
CA ILE A 137 29.91 -39.44 5.08
C ILE A 137 31.38 -39.23 5.39
N LYS A 138 32.10 -38.69 4.40
CA LYS A 138 33.49 -38.30 4.60
C LYS A 138 33.82 -37.14 3.67
N ARG A 139 34.90 -36.46 4.00
CA ARG A 139 35.45 -35.36 3.23
C ARG A 139 36.87 -35.78 2.86
N ASP A 140 37.05 -36.14 1.59
CA ASP A 140 38.31 -36.70 1.12
C ASP A 140 38.73 -35.97 -0.15
N ILE A 141 39.87 -36.36 -0.73
CA ILE A 141 40.29 -35.80 -2.02
C ILE A 141 39.36 -36.25 -3.15
N ILE A 142 39.43 -35.50 -4.25
CA ILE A 142 38.66 -35.81 -5.44
C ILE A 142 39.13 -37.08 -6.15
N ASP A 143 40.43 -37.34 -6.14
CA ASP A 143 40.97 -38.51 -6.85
C ASP A 143 40.87 -39.81 -6.03
N ILE A 144 39.65 -40.25 -5.72
CA ILE A 144 39.43 -41.61 -5.21
C ILE A 144 38.44 -42.35 -6.10
N PRO A 145 38.43 -43.69 -6.02
CA PRO A 145 37.37 -44.37 -6.77
C PRO A 145 35.99 -44.10 -6.16
N LYS A 146 34.97 -44.01 -7.01
CA LYS A 146 33.62 -43.67 -6.58
C LYS A 146 32.58 -44.27 -7.52
N LYS A 147 31.39 -44.46 -6.98
CA LYS A 147 30.26 -45.02 -7.73
C LYS A 147 29.71 -44.03 -8.76
N GLY A 148 29.86 -42.74 -8.47
CA GLY A 148 29.30 -41.69 -9.30
C GLY A 148 29.13 -40.41 -8.49
N VAL A 149 28.23 -39.55 -8.97
CA VAL A 149 27.90 -38.29 -8.29
C VAL A 149 26.39 -38.23 -8.12
N ALA A 150 25.93 -38.19 -6.86
CA ALA A 150 24.54 -37.96 -6.53
C ALA A 150 23.54 -38.98 -7.12
N GLY A 151 24.01 -40.20 -7.33
CA GLY A 151 23.21 -41.27 -7.97
C GLY A 151 23.43 -41.43 -9.48
N LEU A 152 24.21 -40.53 -10.08
CA LEU A 152 24.53 -40.62 -11.50
C LEU A 152 25.83 -41.37 -11.71
N ARG A 153 25.77 -42.46 -12.47
CA ARG A 153 26.89 -43.39 -12.64
C ARG A 153 28.05 -42.81 -13.43
N LEU A 154 29.26 -43.12 -12.98
CA LEU A 154 30.50 -42.82 -13.69
C LEU A 154 31.42 -44.03 -13.64
N HIS B 6 6.74 -32.46 3.55
CA HIS B 6 6.55 -31.81 2.23
C HIS B 6 7.70 -30.82 2.00
N ALA B 7 8.91 -31.37 1.99
CA ALA B 7 10.12 -30.57 2.03
C ALA B 7 10.44 -29.86 0.71
N MET B 8 10.12 -30.45 -0.44
CA MET B 8 10.29 -29.76 -1.74
C MET B 8 9.51 -28.43 -1.74
N ALA B 9 8.23 -28.49 -1.38
CA ALA B 9 7.38 -27.30 -1.33
C ALA B 9 7.95 -26.27 -0.36
N LEU B 10 8.24 -26.71 0.86
CA LEU B 10 8.75 -25.83 1.91
C LEU B 10 9.95 -25.01 1.46
N LYS B 11 10.95 -25.69 0.91
CA LYS B 11 12.17 -25.04 0.44
C LYS B 11 11.92 -24.12 -0.74
N ARG B 12 11.08 -24.52 -1.68
CA ARG B 12 10.65 -23.64 -2.76
C ARG B 12 9.96 -22.37 -2.22
N ILE B 13 9.09 -22.53 -1.22
CA ILE B 13 8.37 -21.40 -0.67
C ILE B 13 9.31 -20.46 0.06
N GLN B 14 10.23 -21.02 0.84
CA GLN B 14 11.27 -20.26 1.53
C GLN B 14 12.11 -19.43 0.55
N LYS B 15 12.49 -20.05 -0.56
CA LYS B 15 13.23 -19.36 -1.63
C LYS B 15 12.41 -18.19 -2.23
N GLU B 16 11.15 -18.43 -2.54
CA GLU B 16 10.28 -17.36 -3.05
C GLU B 16 10.17 -16.24 -2.05
N LEU B 17 9.97 -16.58 -0.78
CA LEU B 17 9.82 -15.55 0.24
C LEU B 17 11.04 -14.64 0.32
N SER B 18 12.22 -15.25 0.37
CA SER B 18 13.46 -14.54 0.45
C SER B 18 13.63 -13.59 -0.73
N ASP B 19 13.34 -14.11 -1.93
CA ASP B 19 13.45 -13.32 -3.16
C ASP B 19 12.42 -12.19 -3.18
N LEU B 20 11.21 -12.46 -2.71
CA LEU B 20 10.13 -11.45 -2.71
C LEU B 20 10.47 -10.32 -1.72
N GLN B 21 10.84 -10.69 -0.50
CA GLN B 21 11.06 -9.67 0.54
C GLN B 21 12.30 -8.84 0.26
N ARG B 22 13.25 -9.42 -0.47
CA ARG B 22 14.41 -8.70 -0.99
C ARG B 22 14.10 -7.68 -2.12
N ASP B 23 13.29 -8.07 -3.09
CA ASP B 23 12.93 -7.21 -4.23
C ASP B 23 11.42 -7.30 -4.45
N PRO B 24 10.64 -6.61 -3.60
CA PRO B 24 9.19 -6.82 -3.64
C PRO B 24 8.57 -6.26 -4.90
N PRO B 25 7.52 -6.88 -5.39
CA PRO B 25 6.89 -6.34 -6.57
C PRO B 25 6.22 -4.98 -6.29
N ALA B 26 6.26 -4.10 -7.28
CA ALA B 26 5.60 -2.80 -7.17
C ALA B 26 4.16 -2.92 -6.67
N HIS B 27 3.78 -2.02 -5.78
CA HIS B 27 2.42 -1.92 -5.22
C HIS B 27 2.04 -3.02 -4.25
N CYS B 28 2.96 -3.94 -3.95
CA CYS B 28 2.62 -5.17 -3.22
C CYS B 28 3.49 -5.41 -2.00
N SER B 29 2.93 -6.14 -1.04
CA SER B 29 3.62 -6.60 0.18
C SER B 29 3.11 -8.00 0.44
N ALA B 30 3.98 -8.88 0.91
CA ALA B 30 3.57 -10.22 1.29
C ALA B 30 4.51 -10.80 2.33
N GLY B 31 3.98 -11.73 3.12
CA GLY B 31 4.74 -12.39 4.16
C GLY B 31 3.93 -13.51 4.80
N PRO B 32 4.62 -14.44 5.48
CA PRO B 32 3.94 -15.53 6.16
C PRO B 32 3.11 -15.09 7.36
N VAL B 33 2.14 -15.90 7.72
CA VAL B 33 1.34 -15.69 8.91
C VAL B 33 2.11 -16.36 10.05
N GLY B 34 2.77 -15.56 10.87
CA GLY B 34 3.60 -16.10 11.94
C GLY B 34 4.72 -16.96 11.38
N ASP B 35 4.92 -18.13 11.96
CA ASP B 35 6.00 -19.04 11.56
C ASP B 35 5.57 -20.03 10.47
N ASP B 36 4.38 -19.87 9.92
CA ASP B 36 3.84 -20.87 9.00
C ASP B 36 4.05 -20.46 7.54
N LEU B 37 5.02 -21.08 6.89
CA LEU B 37 5.35 -20.64 5.51
C LEU B 37 4.28 -21.00 4.49
N PHE B 38 3.36 -21.91 4.80
CA PHE B 38 2.34 -22.30 3.82
C PHE B 38 1.15 -21.34 3.75
N HIS B 39 1.04 -20.40 4.70
CA HIS B 39 -0.02 -19.39 4.69
C HIS B 39 0.64 -18.02 4.68
N TRP B 40 0.38 -17.20 3.66
CA TRP B 40 0.84 -15.86 3.62
C TRP B 40 -0.29 -14.92 3.56
N GLN B 41 -0.06 -13.69 3.99
CA GLN B 41 -0.92 -12.59 3.69
C GLN B 41 -0.25 -11.69 2.67
N ALA B 42 -1.04 -11.06 1.86
CA ALA B 42 -0.55 -10.09 0.91
C ALA B 42 -1.43 -8.85 0.93
N THR B 43 -0.84 -7.77 0.46
CA THR B 43 -1.48 -6.47 0.37
C THR B 43 -1.15 -5.87 -1.01
N ILE B 44 -2.19 -5.35 -1.67
CA ILE B 44 -2.02 -4.62 -2.91
C ILE B 44 -2.59 -3.21 -2.68
N MET B 45 -1.78 -2.21 -2.98
CA MET B 45 -2.25 -0.82 -3.02
C MET B 45 -2.69 -0.59 -4.48
N GLY B 46 -3.92 -0.12 -4.65
CA GLY B 46 -4.51 0.04 -5.98
C GLY B 46 -3.57 0.87 -6.88
N PRO B 47 -3.22 0.34 -8.06
CA PRO B 47 -2.27 1.03 -8.93
C PRO B 47 -2.66 2.45 -9.29
N PRO B 48 -1.69 3.36 -9.36
CA PRO B 48 -2.01 4.70 -9.81
C PRO B 48 -2.72 4.68 -11.17
N ASP B 49 -3.65 5.59 -11.39
CA ASP B 49 -4.35 5.64 -12.67
C ASP B 49 -5.37 4.50 -12.89
N SER B 50 -5.36 3.46 -12.06
CA SER B 50 -6.47 2.49 -12.05
C SER B 50 -7.65 3.15 -11.35
N ALA B 51 -8.82 2.59 -11.54
CA ALA B 51 -10.01 3.03 -10.81
C ALA B 51 -9.92 2.66 -9.32
N TYR B 52 -8.96 1.81 -8.99
CA TYR B 52 -8.76 1.33 -7.62
C TYR B 52 -7.67 2.08 -6.87
N GLN B 53 -7.16 3.15 -7.47
CA GLN B 53 -6.07 3.91 -6.85
C GLN B 53 -6.41 4.41 -5.47
N GLY B 54 -5.47 4.22 -4.55
CA GLY B 54 -5.65 4.64 -3.16
C GLY B 54 -6.35 3.59 -2.31
N GLY B 55 -6.79 2.51 -2.93
CA GLY B 55 -7.43 1.41 -2.22
C GLY B 55 -6.37 0.49 -1.64
N VAL B 56 -6.63 -0.05 -0.46
CA VAL B 56 -5.77 -1.07 0.14
C VAL B 56 -6.56 -2.36 0.10
N PHE B 57 -6.01 -3.38 -0.56
CA PHE B 57 -6.64 -4.66 -0.72
C PHE B 57 -5.84 -5.78 -0.05
N PHE B 58 -6.50 -6.54 0.81
CA PHE B 58 -5.88 -7.62 1.51
C PHE B 58 -6.28 -8.94 0.87
N LEU B 59 -5.28 -9.81 0.71
CA LEU B 59 -5.39 -11.10 0.08
C LEU B 59 -4.80 -12.18 0.97
N THR B 60 -5.24 -13.42 0.75
CA THR B 60 -4.68 -14.61 1.40
C THR B 60 -4.07 -15.51 0.36
N VAL B 61 -2.95 -16.12 0.72
CA VAL B 61 -2.25 -17.10 -0.09
C VAL B 61 -2.05 -18.40 0.70
N HIS B 62 -2.52 -19.50 0.10
CA HIS B 62 -2.23 -20.81 0.64
C HIS B 62 -1.57 -21.72 -0.40
N PHE B 63 -0.46 -22.33 0.02
CA PHE B 63 0.35 -23.19 -0.83
C PHE B 63 -0.09 -24.62 -0.61
N PRO B 64 -0.19 -25.39 -1.71
CA PRO B 64 -0.42 -26.80 -1.66
C PRO B 64 0.85 -27.55 -1.27
N THR B 65 0.65 -28.74 -0.70
CA THR B 65 1.75 -29.57 -0.23
C THR B 65 2.67 -30.05 -1.34
N ASP B 66 2.17 -30.10 -2.57
CA ASP B 66 3.00 -30.43 -3.73
C ASP B 66 3.38 -29.21 -4.59
N TYR B 67 3.44 -28.04 -3.98
CA TYR B 67 3.96 -26.85 -4.65
C TYR B 67 5.39 -27.12 -5.12
N PRO B 68 5.76 -26.67 -6.33
CA PRO B 68 5.08 -25.78 -7.28
C PRO B 68 4.32 -26.46 -8.41
N PHE B 69 3.94 -27.72 -8.21
CA PHE B 69 3.25 -28.49 -9.26
C PHE B 69 1.80 -28.08 -9.40
N LYS B 70 1.25 -27.44 -8.37
CA LYS B 70 -0.08 -26.85 -8.44
C LYS B 70 0.06 -25.41 -8.01
N PRO B 71 -0.86 -24.55 -8.46
CA PRO B 71 -0.78 -23.16 -8.06
C PRO B 71 -1.17 -22.90 -6.61
N PRO B 72 -0.74 -21.77 -6.05
CA PRO B 72 -1.29 -21.37 -4.77
C PRO B 72 -2.75 -20.95 -4.92
N LYS B 73 -3.49 -21.05 -3.83
CA LYS B 73 -4.84 -20.55 -3.75
C LYS B 73 -4.76 -19.13 -3.21
N ILE B 74 -5.22 -18.17 -4.00
CA ILE B 74 -5.14 -16.77 -3.64
C ILE B 74 -6.52 -16.17 -3.71
N ALA B 75 -6.92 -15.48 -2.64
CA ALA B 75 -8.24 -14.86 -2.61
C ALA B 75 -8.16 -13.45 -2.09
N PHE B 76 -9.04 -12.58 -2.58
CA PHE B 76 -9.27 -11.28 -1.93
C PHE B 76 -10.09 -11.42 -0.68
N THR B 77 -9.68 -10.75 0.37
CA THR B 77 -10.51 -10.58 1.54
C THR B 77 -11.17 -9.20 1.56
N THR B 78 -10.70 -8.28 0.74
CA THR B 78 -11.31 -6.96 0.66
C THR B 78 -12.32 -6.92 -0.48
N LYS B 79 -13.51 -6.37 -0.20
CA LYS B 79 -14.54 -6.21 -1.23
C LYS B 79 -14.05 -5.30 -2.38
N ILE B 80 -14.32 -5.72 -3.61
CA ILE B 80 -13.89 -4.99 -4.80
C ILE B 80 -14.92 -5.17 -5.93
N TYR B 81 -15.08 -4.11 -6.73
CA TYR B 81 -16.00 -4.10 -7.85
C TYR B 81 -15.17 -4.37 -9.10
N HIS B 82 -15.34 -5.57 -9.66
CA HIS B 82 -14.45 -6.06 -10.72
C HIS B 82 -15.08 -7.29 -11.40
N PRO B 83 -14.98 -7.39 -12.74
CA PRO B 83 -15.61 -8.52 -13.43
C PRO B 83 -14.98 -9.88 -13.18
N ASN B 84 -13.72 -9.90 -12.74
CA ASN B 84 -12.95 -11.12 -12.52
C ASN B 84 -12.74 -11.47 -11.06
N ILE B 85 -13.40 -10.73 -10.17
CA ILE B 85 -13.28 -10.96 -8.72
C ILE B 85 -14.65 -10.83 -8.05
N ASN B 86 -15.12 -11.91 -7.44
CA ASN B 86 -16.48 -11.91 -6.89
C ASN B 86 -16.52 -11.63 -5.39
N SER B 87 -17.73 -11.70 -4.82
CA SER B 87 -17.95 -11.35 -3.42
C SER B 87 -17.33 -12.34 -2.43
N ASN B 88 -17.00 -13.55 -2.89
CA ASN B 88 -16.23 -14.48 -2.07
C ASN B 88 -14.72 -14.22 -2.15
N GLY B 89 -14.30 -13.30 -3.02
CA GLY B 89 -12.89 -13.00 -3.18
C GLY B 89 -12.17 -13.90 -4.15
N SER B 90 -12.92 -14.74 -4.87
CA SER B 90 -12.33 -15.63 -5.84
C SER B 90 -11.84 -14.80 -7.03
N ILE B 91 -10.66 -15.17 -7.52
CA ILE B 91 -9.98 -14.42 -8.58
C ILE B 91 -9.98 -15.25 -9.85
N CYS B 92 -10.61 -14.72 -10.90
CA CYS B 92 -10.70 -15.41 -12.16
C CYS B 92 -9.51 -15.02 -13.04
N LEU B 93 -8.46 -15.85 -13.01
CA LEU B 93 -7.17 -15.56 -13.65
C LEU B 93 -6.57 -16.89 -14.17
N ASP B 94 -6.21 -16.97 -15.46
CA ASP B 94 -5.77 -18.24 -16.05
C ASP B 94 -4.53 -18.85 -15.38
N ILE B 95 -3.59 -18.03 -14.90
CA ILE B 95 -2.38 -18.59 -14.27
C ILE B 95 -2.65 -19.08 -12.83
N LEU B 96 -3.84 -18.86 -12.29
CA LEU B 96 -4.26 -19.55 -11.05
C LEU B 96 -5.08 -20.81 -11.34
N ARG B 97 -5.28 -21.14 -12.62
CA ARG B 97 -5.98 -22.35 -13.06
C ARG B 97 -5.02 -23.16 -13.93
N SER B 98 -5.47 -23.57 -15.13
CA SER B 98 -4.73 -24.46 -16.00
C SER B 98 -3.45 -23.86 -16.54
N GLN B 99 -3.31 -22.53 -16.55
CA GLN B 99 -2.12 -21.95 -17.12
C GLN B 99 -1.05 -21.70 -16.07
N TRP B 100 -1.27 -22.15 -14.83
CA TRP B 100 -0.20 -22.22 -13.85
C TRP B 100 1.01 -22.93 -14.41
N SER B 101 2.18 -22.44 -14.07
CA SER B 101 3.43 -23.10 -14.38
C SER B 101 4.36 -22.93 -13.18
N PRO B 102 5.16 -23.94 -12.85
CA PRO B 102 6.15 -23.79 -11.77
C PRO B 102 7.22 -22.73 -12.04
N ALA B 103 7.39 -22.34 -13.31
CA ALA B 103 8.20 -21.16 -13.62
C ALA B 103 7.65 -19.85 -13.03
N LEU B 104 6.38 -19.81 -12.65
CA LEU B 104 5.81 -18.61 -12.02
C LEU B 104 6.02 -18.61 -10.51
N THR B 105 5.93 -17.42 -9.95
CA THR B 105 6.06 -17.20 -8.51
C THR B 105 4.87 -16.41 -8.02
N VAL B 106 4.63 -16.43 -6.70
CA VAL B 106 3.64 -15.55 -6.09
C VAL B 106 3.88 -14.08 -6.47
N SER B 107 5.13 -13.65 -6.45
CA SER B 107 5.47 -12.31 -6.89
C SER B 107 4.89 -12.00 -8.26
N LYS B 108 5.11 -12.90 -9.22
CA LYS B 108 4.54 -12.75 -10.57
C LYS B 108 3.03 -12.81 -10.60
N VAL B 109 2.43 -13.66 -9.77
CA VAL B 109 0.97 -13.69 -9.71
C VAL B 109 0.42 -12.36 -9.19
N LEU B 110 1.05 -11.84 -8.14
CA LEU B 110 0.66 -10.54 -7.60
C LEU B 110 0.72 -9.42 -8.62
N LEU B 111 1.79 -9.38 -9.44
CA LEU B 111 1.84 -8.40 -10.52
C LEU B 111 0.76 -8.62 -11.54
N SER B 112 0.44 -9.87 -11.85
CA SER B 112 -0.67 -10.14 -12.77
C SER B 112 -2.01 -9.72 -12.21
N ILE B 113 -2.19 -9.85 -10.90
CA ILE B 113 -3.41 -9.36 -10.29
C ILE B 113 -3.45 -7.83 -10.38
N CYS B 114 -2.33 -7.15 -10.11
CA CYS B 114 -2.24 -5.70 -10.30
C CYS B 114 -2.58 -5.30 -11.74
N SER B 115 -2.14 -6.11 -12.68
CA SER B 115 -2.43 -5.84 -14.10
C SER B 115 -3.92 -5.99 -14.46
N LEU B 116 -4.58 -6.96 -13.84
CA LEU B 116 -6.02 -7.20 -13.92
C LEU B 116 -6.85 -6.06 -13.34
N LEU B 117 -6.37 -5.46 -12.24
CA LEU B 117 -6.98 -4.25 -11.68
C LEU B 117 -6.92 -3.08 -12.65
N CYS B 118 -5.81 -2.93 -13.34
CA CYS B 118 -5.66 -1.90 -14.36
C CYS B 118 -6.49 -2.16 -15.63
N ASP B 119 -6.61 -3.43 -16.00
CA ASP B 119 -7.23 -3.81 -17.27
C ASP B 119 -8.00 -5.10 -17.06
N PRO B 120 -9.26 -4.97 -16.63
CA PRO B 120 -10.07 -6.16 -16.41
C PRO B 120 -10.27 -6.97 -17.69
N ASN B 121 -10.61 -8.24 -17.51
CA ASN B 121 -10.87 -9.14 -18.61
C ASN B 121 -12.36 -9.51 -18.68
N PRO B 122 -13.17 -8.68 -19.37
CA PRO B 122 -14.62 -8.95 -19.41
C PRO B 122 -14.98 -10.23 -20.18
N ASP B 123 -14.05 -10.78 -20.95
CA ASP B 123 -14.27 -12.05 -21.65
C ASP B 123 -14.08 -13.30 -20.77
N ASP B 124 -13.80 -13.09 -19.47
CA ASP B 124 -13.75 -14.17 -18.48
C ASP B 124 -14.68 -13.72 -17.32
N PRO B 125 -16.00 -13.67 -17.57
CA PRO B 125 -16.87 -12.90 -16.68
C PRO B 125 -17.36 -13.62 -15.40
N LEU B 126 -16.54 -13.59 -14.37
CA LEU B 126 -16.89 -14.15 -13.06
C LEU B 126 -18.10 -13.44 -12.43
N VAL B 127 -18.22 -12.14 -12.69
CA VAL B 127 -19.38 -11.37 -12.27
C VAL B 127 -20.01 -10.76 -13.52
N PRO B 128 -20.96 -11.49 -14.14
CA PRO B 128 -21.57 -11.10 -15.43
C PRO B 128 -22.11 -9.67 -15.50
N ASP B 129 -22.87 -9.27 -14.48
CA ASP B 129 -23.44 -7.93 -14.46
C ASP B 129 -22.39 -6.83 -14.57
N ILE B 130 -21.27 -7.01 -13.87
CA ILE B 130 -20.16 -6.08 -13.90
C ILE B 130 -19.43 -6.13 -15.25
N ALA B 131 -19.22 -7.33 -15.78
CA ALA B 131 -18.58 -7.48 -17.08
C ALA B 131 -19.36 -6.76 -18.19
N GLN B 132 -20.69 -6.85 -18.14
CA GLN B 132 -21.51 -6.18 -19.15
C GLN B 132 -21.37 -4.66 -19.10
N ILE B 133 -21.29 -4.12 -17.89
CA ILE B 133 -21.13 -2.67 -17.72
C ILE B 133 -19.75 -2.23 -18.20
N TYR B 134 -18.73 -3.04 -17.91
CA TYR B 134 -17.38 -2.76 -18.38
C TYR B 134 -17.39 -2.60 -19.90
N LYS B 135 -18.10 -3.49 -20.59
CA LYS B 135 -18.13 -3.48 -22.05
C LYS B 135 -19.04 -2.39 -22.64
N SER B 136 -20.17 -2.10 -21.99
CA SER B 136 -21.15 -1.17 -22.55
C SER B 136 -20.98 0.28 -22.11
N ASP B 137 -20.50 0.49 -20.89
CA ASP B 137 -20.46 1.83 -20.28
C ASP B 137 -19.27 1.94 -19.33
N LYS B 138 -18.11 2.29 -19.89
CA LYS B 138 -16.85 2.25 -19.16
C LYS B 138 -16.78 3.35 -18.11
N GLU B 139 -17.37 4.50 -18.42
CA GLU B 139 -17.41 5.62 -17.48
C GLU B 139 -18.21 5.25 -16.22
N LYS B 140 -19.35 4.59 -16.43
CA LYS B 140 -20.14 4.02 -15.33
C LYS B 140 -19.37 2.97 -14.53
N TYR B 141 -18.67 2.08 -15.23
CA TYR B 141 -17.83 1.08 -14.57
C TYR B 141 -16.83 1.73 -13.62
N ASN B 142 -16.10 2.72 -14.15
CA ASN B 142 -15.05 3.39 -13.40
C ASN B 142 -15.62 4.14 -12.21
N ARG B 143 -16.79 4.74 -12.38
CA ARG B 143 -17.48 5.41 -11.28
C ARG B 143 -17.79 4.44 -10.14
N HIS B 144 -18.37 3.30 -10.49
CA HIS B 144 -18.70 2.27 -9.51
C HIS B 144 -17.48 1.67 -8.83
N ALA B 145 -16.43 1.41 -9.60
CA ALA B 145 -15.21 0.84 -9.06
C ALA B 145 -14.56 1.82 -8.09
N ARG B 146 -14.61 3.12 -8.39
CA ARG B 146 -14.04 4.13 -7.50
C ARG B 146 -14.89 4.26 -6.23
N GLU B 147 -16.20 4.24 -6.40
CA GLU B 147 -17.12 4.30 -5.27
C GLU B 147 -16.91 3.14 -4.30
N TRP B 148 -16.74 1.94 -4.83
CA TRP B 148 -16.49 0.78 -3.98
C TRP B 148 -15.10 0.80 -3.36
N THR B 149 -14.11 1.29 -4.08
CA THR B 149 -12.78 1.50 -3.50
C THR B 149 -12.87 2.42 -2.26
N GLN B 150 -13.55 3.55 -2.39
CA GLN B 150 -13.70 4.49 -1.27
C GLN B 150 -14.48 3.87 -0.12
N LYS B 151 -15.55 3.16 -0.44
CA LYS B 151 -16.44 2.57 0.55
C LYS B 151 -15.79 1.42 1.33
N TYR B 152 -15.16 0.49 0.62
CA TYR B 152 -14.69 -0.75 1.20
C TYR B 152 -13.17 -0.90 1.36
N ALA B 153 -12.38 -0.13 0.62
CA ALA B 153 -10.94 -0.30 0.61
C ALA B 153 -10.14 0.95 1.00
N MET B 154 -10.79 1.97 1.55
CA MET B 154 -10.09 3.12 2.12
C MET B 154 -10.51 3.36 3.55
N SER C 2 -8.98 28.30 -9.22
CA SER C 2 -8.97 29.68 -9.82
C SER C 2 -7.54 30.19 -10.02
N LEU C 3 -7.28 30.71 -11.22
CA LEU C 3 -6.01 31.39 -11.48
C LEU C 3 -6.05 32.86 -11.07
N THR C 4 -7.26 33.41 -10.88
CA THR C 4 -7.43 34.84 -10.67
C THR C 4 -7.76 35.23 -9.21
N VAL C 5 -8.25 34.29 -8.41
CA VAL C 5 -8.56 34.57 -6.99
C VAL C 5 -7.83 33.55 -6.12
N PRO C 6 -7.15 34.00 -5.07
CA PRO C 6 -6.37 33.06 -4.27
C PRO C 6 -7.24 32.05 -3.53
N GLU C 7 -6.62 30.96 -3.10
CA GLU C 7 -7.26 29.95 -2.30
C GLU C 7 -7.19 30.39 -0.84
N CYS C 8 -8.30 30.29 -0.14
CA CYS C 8 -8.34 30.49 1.30
C CYS C 8 -7.70 29.30 2.05
N ALA C 9 -6.75 29.56 2.93
CA ALA C 9 -6.06 28.48 3.61
C ALA C 9 -6.87 27.94 4.79
N ILE C 10 -7.95 28.62 5.16
CA ILE C 10 -8.89 28.11 6.18
C ILE C 10 -9.81 27.02 5.59
N CYS C 11 -10.60 27.38 4.57
CA CYS C 11 -11.57 26.45 4.00
C CYS C 11 -11.04 25.62 2.80
N LEU C 12 -9.87 25.97 2.28
CA LEU C 12 -9.27 25.35 1.09
C LEU C 12 -10.07 25.50 -0.20
N GLN C 13 -11.00 26.43 -0.23
CA GLN C 13 -11.73 26.77 -1.46
C GLN C 13 -11.19 28.08 -1.97
N THR C 14 -11.50 28.43 -3.22
CA THR C 14 -11.27 29.77 -3.74
C THR C 14 -11.97 30.78 -2.85
N CYS C 15 -11.26 31.85 -2.46
CA CYS C 15 -11.82 32.87 -1.59
C CYS C 15 -13.12 33.48 -2.13
N VAL C 16 -14.11 33.57 -1.27
CA VAL C 16 -15.31 34.36 -1.50
C VAL C 16 -15.18 35.61 -0.65
N HIS C 17 -15.32 36.78 -1.28
CA HIS C 17 -15.08 38.07 -0.62
C HIS C 17 -13.75 38.10 0.10
N PRO C 18 -12.64 37.99 -0.66
CA PRO C 18 -11.36 37.89 -0.01
C PRO C 18 -11.03 39.18 0.73
N VAL C 19 -10.52 39.06 1.94
CA VAL C 19 -10.12 40.21 2.74
C VAL C 19 -8.65 40.10 3.04
N SER C 20 -7.99 41.24 3.16
CA SER C 20 -6.56 41.32 3.31
C SER C 20 -6.27 41.82 4.74
N LEU C 21 -5.61 40.97 5.53
CA LEU C 21 -5.22 41.35 6.89
C LEU C 21 -4.00 42.29 6.84
N PRO C 22 -3.70 42.98 7.95
CA PRO C 22 -2.54 43.87 7.95
C PRO C 22 -1.24 43.16 7.58
N CYS C 23 -1.11 41.88 7.91
CA CYS C 23 0.04 41.06 7.52
C CYS C 23 0.06 40.65 6.04
N LYS C 24 -0.99 41.01 5.32
CA LYS C 24 -1.17 40.77 3.89
C LYS C 24 -1.64 39.36 3.52
N HIS C 25 -1.92 38.50 4.50
CA HIS C 25 -2.60 37.24 4.20
C HIS C 25 -4.06 37.50 3.89
N VAL C 26 -4.57 36.68 2.98
CA VAL C 26 -5.92 36.79 2.44
C VAL C 26 -6.76 35.54 2.76
N PHE C 27 -8.01 35.76 3.18
CA PHE C 27 -8.98 34.69 3.49
C PHE C 27 -10.39 35.15 3.12
N CYS C 28 -11.31 34.21 2.96
CA CYS C 28 -12.72 34.59 2.80
C CYS C 28 -13.14 35.47 4.00
N TYR C 29 -13.92 36.53 3.76
CA TYR C 29 -14.45 37.34 4.86
C TYR C 29 -15.16 36.43 5.89
N LEU C 30 -15.98 35.53 5.39
CA LEU C 30 -16.80 34.70 6.31
C LEU C 30 -16.03 33.63 7.09
N CYS C 31 -14.88 33.22 6.58
CA CYS C 31 -13.94 32.37 7.30
C CYS C 31 -13.20 33.13 8.40
N VAL C 32 -12.79 34.38 8.14
CA VAL C 32 -12.25 35.24 9.20
C VAL C 32 -13.32 35.46 10.28
N LYS C 33 -14.55 35.73 9.85
CA LYS C 33 -15.62 35.94 10.80
C LYS C 33 -15.85 34.68 11.65
N GLY C 34 -15.89 33.50 11.01
CA GLY C 34 -16.10 32.26 11.72
C GLY C 34 -14.99 31.91 12.70
N ALA C 35 -13.76 32.26 12.36
CA ALA C 35 -12.62 32.02 13.22
C ALA C 35 -12.53 33.08 14.33
N SER C 36 -13.18 34.23 14.14
CA SER C 36 -13.14 35.30 15.11
C SER C 36 -13.89 34.90 16.40
N TRP C 37 -14.93 34.07 16.29
CA TRP C 37 -15.65 33.62 17.49
C TRP C 37 -14.67 32.96 18.48
N LEU C 38 -13.66 32.27 17.95
CA LEU C 38 -12.64 31.62 18.76
C LEU C 38 -11.49 32.56 19.13
N GLY C 39 -11.53 33.80 18.63
CA GLY C 39 -10.46 34.76 18.88
C GLY C 39 -9.14 34.41 18.22
N LYS C 40 -9.18 33.66 17.14
CA LYS C 40 -7.95 33.35 16.39
C LYS C 40 -7.24 34.63 15.93
N ARG C 41 -5.92 34.53 15.74
CA ARG C 41 -5.11 35.59 15.13
C ARG C 41 -5.07 35.21 13.66
N CYS C 42 -4.19 35.79 12.84
CA CYS C 42 -4.05 35.30 11.46
C CYS C 42 -3.69 33.82 11.50
N ALA C 43 -4.44 33.02 10.75
CA ALA C 43 -4.28 31.56 10.73
C ALA C 43 -2.94 31.11 10.14
N LEU C 44 -2.37 31.92 9.25
CA LEU C 44 -1.09 31.59 8.63
C LEU C 44 0.15 32.08 9.42
N CYS C 45 0.16 33.30 9.95
CA CYS C 45 1.39 33.83 10.58
C CYS C 45 1.27 34.27 12.04
N ARG C 46 0.06 34.16 12.62
CA ARG C 46 -0.22 34.49 14.03
C ARG C 46 -0.19 35.99 14.40
N GLN C 47 -0.03 36.88 13.43
CA GLN C 47 -0.07 38.32 13.72
C GLN C 47 -1.50 38.79 14.01
N GLU C 48 -1.63 39.90 14.72
CA GLU C 48 -2.92 40.29 15.28
C GLU C 48 -3.88 40.75 14.20
N ILE C 49 -5.14 40.39 14.38
CA ILE C 49 -6.23 40.93 13.58
C ILE C 49 -6.86 42.09 14.35
N PRO C 50 -6.93 43.29 13.74
CA PRO C 50 -7.52 44.45 14.41
C PRO C 50 -8.89 44.17 15.04
N GLU C 51 -9.13 44.78 16.20
CA GLU C 51 -10.35 44.54 16.98
C GLU C 51 -11.61 44.84 16.16
N ASP C 52 -11.57 45.89 15.35
CA ASP C 52 -12.75 46.29 14.56
C ASP C 52 -12.70 45.83 13.11
N PHE C 53 -11.85 44.85 12.81
CA PHE C 53 -11.68 44.40 11.43
C PHE C 53 -12.95 43.81 10.78
N LEU C 54 -13.79 43.10 11.53
CA LEU C 54 -15.01 42.55 10.95
C LEU C 54 -16.02 43.62 10.56
N ASP C 55 -16.11 44.67 11.37
CA ASP C 55 -17.01 45.76 11.07
C ASP C 55 -16.42 46.68 10.00
N LYS C 56 -15.09 46.76 9.93
CA LYS C 56 -14.41 47.62 8.98
C LYS C 56 -13.26 46.88 8.28
N PRO C 57 -13.58 45.89 7.42
CA PRO C 57 -12.55 45.05 6.83
C PRO C 57 -11.89 45.72 5.62
N THR C 58 -10.67 45.30 5.33
CA THR C 58 -9.96 45.69 4.13
C THR C 58 -10.22 44.62 3.09
N LEU C 59 -11.03 44.92 2.09
CA LEU C 59 -11.25 43.99 0.98
C LEU C 59 -10.00 43.90 0.10
N LEU C 60 -9.73 42.72 -0.46
CA LEU C 60 -8.64 42.57 -1.40
C LEU C 60 -8.91 43.38 -2.68
N SER C 61 -10.13 43.24 -3.21
CA SER C 61 -10.56 43.93 -4.43
C SER C 61 -11.88 44.68 -4.19
N PRO C 62 -11.81 45.94 -3.71
CA PRO C 62 -13.03 46.66 -3.33
C PRO C 62 -14.12 46.80 -4.42
N GLU C 63 -13.70 47.00 -5.66
CA GLU C 63 -14.63 47.07 -6.79
C GLU C 63 -15.33 45.75 -7.07
N GLU C 64 -14.67 44.63 -6.77
CA GLU C 64 -15.31 43.35 -6.98
C GLU C 64 -16.52 43.16 -6.05
N LEU C 65 -16.59 43.90 -4.94
CA LEU C 65 -17.78 43.79 -4.03
C LEU C 65 -18.98 44.48 -4.66
N LYS C 66 -18.75 45.61 -5.33
CA LYS C 66 -19.83 46.24 -6.11
C LYS C 66 -20.32 45.26 -7.16
N ALA C 67 -19.37 44.68 -7.89
CA ALA C 67 -19.68 43.64 -8.89
C ALA C 67 -20.42 42.48 -8.26
N ALA C 68 -19.93 41.98 -7.12
CA ALA C 68 -20.61 40.91 -6.39
C ALA C 68 -22.06 41.28 -6.03
N SER C 69 -22.30 42.55 -5.73
CA SER C 69 -23.65 43.02 -5.42
C SER C 69 -24.64 42.85 -6.59
N ARG C 70 -24.15 43.05 -7.83
CA ARG C 70 -24.95 42.79 -9.03
C ARG C 70 -25.08 41.29 -9.38
N GLY C 71 -24.14 40.47 -8.92
CA GLY C 71 -24.27 39.00 -8.97
C GLY C 71 -24.42 38.53 -10.40
N ASN C 72 -25.38 37.61 -10.63
CA ASN C 72 -25.63 37.17 -12.02
C ASN C 72 -26.42 38.18 -12.89
N GLY C 73 -26.73 39.35 -12.32
CA GLY C 73 -27.44 40.41 -13.04
C GLY C 73 -28.96 40.29 -13.04
N GLU C 74 -29.48 39.10 -12.74
CA GLU C 74 -30.90 38.84 -12.85
C GLU C 74 -31.57 38.66 -11.48
N TYR C 75 -31.22 37.61 -10.75
CA TYR C 75 -31.84 37.32 -9.44
C TYR C 75 -30.77 37.01 -8.40
N ALA C 76 -31.13 37.14 -7.13
CA ALA C 76 -30.23 36.78 -6.07
C ALA C 76 -31.01 36.39 -4.84
N TRP C 77 -30.30 35.79 -3.89
CA TRP C 77 -30.85 35.44 -2.58
C TRP C 77 -30.46 36.48 -1.53
N TYR C 78 -31.39 36.79 -0.60
CA TYR C 78 -31.22 37.83 0.39
C TYR C 78 -31.70 37.33 1.75
N TYR C 79 -31.07 37.84 2.81
CA TYR C 79 -31.47 37.53 4.19
C TYR C 79 -31.70 38.85 4.94
N GLU C 80 -32.58 38.80 5.92
CA GLU C 80 -33.06 39.95 6.63
C GLU C 80 -31.96 40.57 7.50
N GLY C 81 -31.86 41.88 7.44
CA GLY C 81 -31.04 42.65 8.38
C GLY C 81 -31.91 43.70 9.04
N ARG C 82 -31.28 44.59 9.81
CA ARG C 82 -31.98 45.69 10.43
C ARG C 82 -32.27 46.74 9.36
N ASN C 83 -33.55 47.05 9.15
CA ASN C 83 -33.98 48.06 8.20
C ASN C 83 -33.39 47.87 6.79
N GLY C 84 -33.42 46.64 6.30
CA GLY C 84 -32.85 46.34 4.99
C GLY C 84 -32.51 44.88 4.78
N TRP C 85 -32.22 44.53 3.53
CA TRP C 85 -31.83 43.18 3.14
C TRP C 85 -30.33 43.12 2.92
N TRP C 86 -29.73 42.01 3.32
CA TRP C 86 -28.38 41.64 2.94
C TRP C 86 -28.43 40.63 1.78
N GLN C 87 -27.55 40.75 0.80
CA GLN C 87 -27.39 39.71 -0.20
C GLN C 87 -26.54 38.55 0.38
N TYR C 88 -26.97 37.30 0.17
CA TYR C 88 -26.12 36.13 0.41
C TYR C 88 -24.85 36.19 -0.43
N ASP C 89 -23.74 35.74 0.14
CA ASP C 89 -22.54 35.48 -0.66
C ASP C 89 -22.85 34.50 -1.80
N GLU C 90 -22.04 34.59 -2.86
CA GLU C 90 -22.28 33.84 -4.07
C GLU C 90 -22.28 32.32 -3.88
N ARG C 91 -21.41 31.80 -3.02
CA ARG C 91 -21.28 30.38 -2.85
C ARG C 91 -22.56 29.83 -2.18
N THR C 92 -23.00 30.49 -1.11
CA THR C 92 -24.23 30.08 -0.39
C THR C 92 -25.47 30.31 -1.25
N SER C 93 -25.41 31.35 -2.12
CA SER C 93 -26.51 31.66 -3.01
C SER C 93 -26.74 30.53 -4.05
N ARG C 94 -25.65 29.92 -4.52
CA ARG C 94 -25.74 28.81 -5.45
C ARG C 94 -26.36 27.57 -4.81
N GLU C 95 -26.07 27.36 -3.53
CA GLU C 95 -26.64 26.23 -2.82
C GLU C 95 -28.14 26.44 -2.65
N LEU C 96 -28.55 27.65 -2.26
CA LEU C 96 -29.98 28.00 -2.10
C LEU C 96 -30.73 27.81 -3.41
N GLU C 97 -30.14 28.27 -4.51
CA GLU C 97 -30.80 28.18 -5.79
C GLU C 97 -30.99 26.71 -6.18
N ASP C 98 -29.99 25.89 -5.89
CA ASP C 98 -30.02 24.47 -6.24
C ASP C 98 -31.13 23.77 -5.48
N ALA C 99 -31.15 24.00 -4.17
CA ALA C 99 -32.18 23.44 -3.30
C ALA C 99 -33.59 23.86 -3.73
N PHE C 100 -33.75 25.15 -4.02
CA PHE C 100 -35.04 25.70 -4.39
C PHE C 100 -35.58 25.13 -5.69
N SER C 101 -34.72 25.07 -6.71
CA SER C 101 -35.13 24.60 -8.01
C SER C 101 -35.46 23.09 -8.04
N LYS C 102 -34.95 22.33 -7.06
CA LYS C 102 -35.28 20.91 -6.91
C LYS C 102 -36.45 20.64 -5.96
N GLY C 103 -37.01 21.71 -5.38
CA GLY C 103 -38.13 21.60 -4.49
C GLY C 103 -37.77 21.05 -3.11
N LYS C 104 -36.52 21.19 -2.68
CA LYS C 104 -36.16 20.77 -1.32
C LYS C 104 -36.87 21.65 -0.28
N LYS C 105 -37.39 21.04 0.77
CA LYS C 105 -38.06 21.79 1.84
C LYS C 105 -37.04 22.63 2.62
N ASN C 106 -35.82 22.13 2.76
CA ASN C 106 -34.76 22.87 3.40
C ASN C 106 -33.42 22.43 2.91
N THR C 107 -32.39 23.20 3.26
CA THR C 107 -31.03 22.76 3.08
C THR C 107 -30.17 23.33 4.23
N GLU C 108 -28.96 22.80 4.37
CA GLU C 108 -27.97 23.31 5.35
C GLU C 108 -26.85 24.07 4.70
N MET C 109 -26.37 25.11 5.36
CA MET C 109 -25.25 25.90 4.88
C MET C 109 -24.35 26.26 6.07
N LEU C 110 -23.03 26.17 5.87
CA LEU C 110 -22.06 26.68 6.85
C LEU C 110 -21.86 28.15 6.61
N ILE C 111 -22.15 28.95 7.62
CA ILE C 111 -22.00 30.40 7.47
C ILE C 111 -21.27 30.94 8.69
N ALA C 112 -20.08 31.47 8.46
CA ALA C 112 -19.24 32.02 9.53
C ALA C 112 -19.16 31.16 10.78
N GLY C 113 -18.76 29.91 10.57
CA GLY C 113 -18.45 28.99 11.62
C GLY C 113 -19.62 28.17 12.16
N PHE C 114 -20.85 28.47 11.75
CA PHE C 114 -22.02 27.73 12.27
C PHE C 114 -22.88 27.20 11.14
N LEU C 115 -23.53 26.08 11.40
CA LEU C 115 -24.43 25.49 10.44
C LEU C 115 -25.77 26.16 10.58
N TYR C 116 -26.29 26.64 9.46
CA TYR C 116 -27.63 27.20 9.39
C TYR C 116 -28.56 26.30 8.60
N VAL C 117 -29.83 26.37 8.93
CA VAL C 117 -30.86 25.76 8.12
C VAL C 117 -31.50 26.86 7.32
N ALA C 118 -31.65 26.60 6.03
CA ALA C 118 -32.47 27.43 5.18
C ALA C 118 -33.77 26.68 5.00
N ASP C 119 -34.83 27.24 5.57
CA ASP C 119 -36.14 26.64 5.47
C ASP C 119 -36.81 27.30 4.26
N LEU C 120 -36.98 26.55 3.19
CA LEU C 120 -37.43 27.13 1.93
C LEU C 120 -38.95 27.08 1.79
N GLU C 121 -39.61 26.45 2.77
CA GLU C 121 -41.06 26.46 2.82
C GLU C 121 -41.50 27.72 3.54
N ASN C 122 -40.84 28.04 4.65
CA ASN C 122 -41.23 29.21 5.44
C ASN C 122 -40.39 30.43 5.13
N MET C 123 -39.37 30.23 4.29
CA MET C 123 -38.46 31.30 3.88
C MET C 123 -37.81 32.01 5.07
N VAL C 124 -37.02 31.25 5.79
CA VAL C 124 -36.29 31.76 6.90
C VAL C 124 -35.04 30.95 7.09
N GLN C 125 -34.04 31.55 7.71
CA GLN C 125 -32.85 30.84 8.09
C GLN C 125 -32.63 31.00 9.60
N TYR C 126 -31.97 30.03 10.18
CA TYR C 126 -31.59 30.06 11.58
C TYR C 126 -30.53 29.03 11.88
N ARG C 127 -29.79 29.20 12.98
CA ARG C 127 -28.75 28.23 13.37
C ARG C 127 -29.38 26.93 13.78
N ARG C 128 -28.88 25.84 13.23
CA ARG C 128 -29.38 24.53 13.60
C ARG C 128 -29.11 24.22 15.09
N ASN C 129 -30.13 23.74 15.79
CA ASN C 129 -30.04 23.33 17.19
C ASN C 129 -29.53 24.40 18.18
N GLU C 130 -29.95 25.64 17.95
CA GLU C 130 -29.70 26.75 18.87
C GLU C 130 -30.95 27.64 19.01
N HIS C 131 -31.01 28.38 20.12
CA HIS C 131 -31.72 29.65 20.18
C HIS C 131 -30.94 30.66 19.37
N GLY C 132 -31.65 31.39 18.54
CA GLY C 132 -31.02 32.34 17.65
C GLY C 132 -32.07 33.07 16.90
N ARG C 133 -31.63 34.10 16.20
CA ARG C 133 -32.49 34.88 15.34
C ARG C 133 -32.95 34.02 14.17
N ARG C 134 -34.19 34.18 13.80
CA ARG C 134 -34.72 33.63 12.59
C ARG C 134 -34.79 34.80 11.63
N ARG C 135 -33.97 34.78 10.59
CA ARG C 135 -33.99 35.85 9.61
C ARG C 135 -34.82 35.43 8.41
N LYS C 136 -35.64 36.35 7.92
CA LYS C 136 -36.43 36.10 6.73
C LYS C 136 -35.46 36.02 5.56
N ILE C 137 -35.79 35.18 4.60
CA ILE C 137 -35.05 35.13 3.35
C ILE C 137 -35.98 35.32 2.16
N LYS C 138 -35.41 35.73 1.04
CA LYS C 138 -36.17 35.84 -0.20
C LYS C 138 -35.23 35.72 -1.41
N ARG C 139 -35.86 35.42 -2.53
CA ARG C 139 -35.21 35.36 -3.83
C ARG C 139 -35.87 36.46 -4.65
N ASP C 140 -35.07 37.47 -5.00
CA ASP C 140 -35.58 38.64 -5.71
C ASP C 140 -34.58 39.09 -6.78
N ILE C 141 -34.97 40.07 -7.58
CA ILE C 141 -34.08 40.61 -8.60
C ILE C 141 -32.83 41.25 -7.96
N ILE C 142 -31.83 41.50 -8.79
CA ILE C 142 -30.64 42.18 -8.34
C ILE C 142 -30.88 43.66 -8.00
N ASP C 143 -31.67 44.35 -8.81
CA ASP C 143 -31.74 45.82 -8.72
C ASP C 143 -32.71 46.29 -7.61
N ILE C 144 -32.38 45.93 -6.37
CA ILE C 144 -33.08 46.42 -5.19
C ILE C 144 -32.11 47.04 -4.20
N PRO C 145 -32.59 48.01 -3.41
CA PRO C 145 -31.70 48.53 -2.38
C PRO C 145 -31.32 47.44 -1.41
N LYS C 146 -30.06 47.43 -1.00
CA LYS C 146 -29.57 46.41 -0.11
C LYS C 146 -28.50 47.02 0.75
N LYS C 147 -28.32 46.44 1.93
CA LYS C 147 -27.33 46.89 2.90
C LYS C 147 -25.91 46.54 2.48
N GLY C 148 -25.78 45.46 1.73
CA GLY C 148 -24.48 44.95 1.39
C GLY C 148 -24.56 43.48 1.02
N VAL C 149 -23.42 42.81 1.07
CA VAL C 149 -23.31 41.41 0.69
C VAL C 149 -22.59 40.71 1.82
N ALA C 150 -23.29 39.79 2.45
CA ALA C 150 -22.73 38.93 3.47
C ALA C 150 -22.11 39.63 4.68
N GLY C 151 -22.70 40.75 5.09
CA GLY C 151 -22.14 41.58 6.14
C GLY C 151 -21.17 42.68 5.69
N LEU C 152 -20.80 42.68 4.41
CA LEU C 152 -19.94 43.74 3.84
C LEU C 152 -20.76 44.88 3.28
N ARG C 153 -20.60 46.07 3.86
CA ARG C 153 -21.42 47.22 3.51
C ARG C 153 -20.91 47.88 2.24
N LEU C 154 -21.84 48.31 1.38
CA LEU C 154 -21.51 49.11 0.21
C LEU C 154 -21.50 50.59 0.57
N HIS D 2 -19.30 16.79 19.14
CA HIS D 2 -18.15 17.56 18.55
C HIS D 2 -18.34 17.89 17.05
N HIS D 3 -18.94 16.97 16.29
CA HIS D 3 -19.38 17.24 14.92
C HIS D 3 -20.23 18.52 14.80
N HIS D 4 -21.21 18.69 15.69
CA HIS D 4 -22.11 19.83 15.64
C HIS D 4 -21.45 21.14 16.09
N HIS D 5 -20.65 21.06 17.16
CA HIS D 5 -20.06 22.24 17.78
C HIS D 5 -18.85 22.80 17.01
N HIS D 6 -18.29 22.02 16.09
CA HIS D 6 -17.01 22.35 15.45
C HIS D 6 -17.15 22.28 13.94
N ALA D 7 -18.14 23.02 13.43
CA ALA D 7 -18.60 22.85 12.04
C ALA D 7 -17.61 23.32 10.98
N MET D 8 -16.85 24.37 11.26
CA MET D 8 -15.77 24.81 10.35
C MET D 8 -14.74 23.70 10.18
N ALA D 9 -14.34 23.09 11.30
CA ALA D 9 -13.41 21.97 11.27
C ALA D 9 -13.99 20.80 10.48
N LEU D 10 -15.24 20.45 10.74
CA LEU D 10 -15.84 19.29 10.08
C LEU D 10 -15.86 19.50 8.57
N LYS D 11 -16.29 20.67 8.14
CA LYS D 11 -16.38 20.96 6.71
C LYS D 11 -15.00 20.95 6.03
N ARG D 12 -13.99 21.50 6.68
CA ARG D 12 -12.61 21.44 6.18
C ARG D 12 -12.10 19.99 6.03
N ILE D 13 -12.42 19.15 7.00
CA ILE D 13 -11.95 17.78 7.01
C ILE D 13 -12.64 16.99 5.91
N GLN D 14 -13.95 17.23 5.71
CA GLN D 14 -14.74 16.61 4.65
C GLN D 14 -14.16 16.97 3.27
N LYS D 15 -13.80 18.23 3.09
CA LYS D 15 -13.16 18.71 1.86
C LYS D 15 -11.82 17.98 1.59
N GLU D 16 -10.94 17.92 2.60
CA GLU D 16 -9.69 17.20 2.47
C GLU D 16 -9.89 15.73 2.15
N LEU D 17 -10.85 15.08 2.81
CA LEU D 17 -11.11 13.68 2.57
C LEU D 17 -11.55 13.44 1.15
N SER D 18 -12.40 14.29 0.61
CA SER D 18 -12.93 14.02 -0.69
C SER D 18 -11.86 14.34 -1.76
N ASP D 19 -11.02 15.35 -1.53
CA ASP D 19 -9.85 15.61 -2.42
C ASP D 19 -8.83 14.48 -2.35
N LEU D 20 -8.56 13.96 -1.15
CA LEU D 20 -7.57 12.90 -0.96
C LEU D 20 -8.01 11.61 -1.66
N GLN D 21 -9.25 11.20 -1.41
CA GLN D 21 -9.71 9.94 -1.92
C GLN D 21 -9.90 9.99 -3.43
N ARG D 22 -10.16 11.16 -3.99
CA ARG D 22 -10.17 11.34 -5.44
C ARG D 22 -8.78 11.29 -6.08
N ASP D 23 -7.77 11.87 -5.43
CA ASP D 23 -6.41 11.91 -5.98
C ASP D 23 -5.38 11.59 -4.89
N PRO D 24 -5.29 10.32 -4.50
CA PRO D 24 -4.45 9.99 -3.37
C PRO D 24 -2.96 10.15 -3.67
N PRO D 25 -2.18 10.61 -2.68
CA PRO D 25 -0.73 10.64 -2.89
C PRO D 25 -0.17 9.25 -3.19
N ALA D 26 0.88 9.20 -4.00
CA ALA D 26 1.58 7.95 -4.27
C ALA D 26 1.94 7.19 -2.99
N HIS D 27 1.72 5.89 -3.03
CA HIS D 27 2.05 4.97 -1.96
C HIS D 27 1.13 5.05 -0.73
N CYS D 28 0.09 5.88 -0.78
CA CYS D 28 -0.70 6.18 0.41
C CYS D 28 -2.20 5.93 0.24
N SER D 29 -2.87 5.64 1.35
CA SER D 29 -4.32 5.54 1.40
C SER D 29 -4.78 6.15 2.72
N ALA D 30 -5.98 6.73 2.73
CA ALA D 30 -6.60 7.15 4.01
C ALA D 30 -8.12 7.20 3.93
N GLY D 31 -8.75 7.06 5.09
CA GLY D 31 -10.18 7.25 5.24
C GLY D 31 -10.57 7.24 6.71
N PRO D 32 -11.79 7.68 7.03
CA PRO D 32 -12.30 7.67 8.40
C PRO D 32 -12.38 6.31 9.05
N VAL D 33 -12.12 6.31 10.35
CA VAL D 33 -12.34 5.15 11.19
C VAL D 33 -13.78 5.28 11.61
N GLY D 34 -14.56 4.26 11.25
CA GLY D 34 -15.98 4.27 11.47
C GLY D 34 -16.61 5.51 10.86
N ASP D 35 -17.60 6.04 11.54
CA ASP D 35 -18.37 7.18 11.06
C ASP D 35 -17.79 8.54 11.50
N ASP D 36 -16.66 8.52 12.21
CA ASP D 36 -16.13 9.74 12.83
C ASP D 36 -15.12 10.40 11.91
N LEU D 37 -15.48 11.55 11.37
CA LEU D 37 -14.56 12.25 10.45
C LEU D 37 -13.31 12.82 11.14
N PHE D 38 -13.33 12.91 12.47
CA PHE D 38 -12.17 13.42 13.23
C PHE D 38 -11.09 12.34 13.49
N HIS D 39 -11.35 11.10 13.05
CA HIS D 39 -10.44 10.00 13.27
C HIS D 39 -10.32 9.22 11.98
N TRP D 40 -9.12 9.23 11.40
CA TRP D 40 -8.85 8.51 10.16
C TRP D 40 -7.80 7.44 10.44
N GLN D 41 -7.79 6.42 9.60
CA GLN D 41 -6.68 5.50 9.52
C GLN D 41 -5.96 5.80 8.18
N ALA D 42 -4.64 5.73 8.18
CA ALA D 42 -3.85 5.85 6.95
C ALA D 42 -2.93 4.65 6.75
N THR D 43 -2.54 4.43 5.48
CA THR D 43 -1.67 3.32 5.09
C THR D 43 -0.58 3.85 4.17
N ILE D 44 0.67 3.53 4.49
CA ILE D 44 1.81 3.82 3.63
C ILE D 44 2.48 2.52 3.22
N MET D 45 2.66 2.38 1.91
CA MET D 45 3.40 1.27 1.36
C MET D 45 4.82 1.77 1.24
N GLY D 46 5.76 1.03 1.83
CA GLY D 46 7.16 1.50 1.89
C GLY D 46 7.66 1.93 0.53
N PRO D 47 8.15 3.18 0.39
CA PRO D 47 8.51 3.65 -0.95
C PRO D 47 9.59 2.79 -1.62
N PRO D 48 9.48 2.58 -2.94
CA PRO D 48 10.48 1.81 -3.65
C PRO D 48 11.87 2.41 -3.46
N ASP D 49 12.88 1.56 -3.43
CA ASP D 49 14.27 2.00 -3.23
C ASP D 49 14.60 2.52 -1.83
N SER D 50 13.59 2.80 -0.99
CA SER D 50 13.83 3.03 0.44
C SER D 50 14.11 1.68 1.08
N ALA D 51 14.73 1.69 2.26
CA ALA D 51 14.96 0.45 3.00
C ALA D 51 13.64 -0.15 3.53
N TYR D 52 12.52 0.57 3.37
CA TYR D 52 11.22 0.12 3.84
C TYR D 52 10.38 -0.50 2.73
N GLN D 53 10.96 -0.63 1.53
CA GLN D 53 10.23 -1.13 0.37
C GLN D 53 9.58 -2.49 0.64
N GLY D 54 8.32 -2.62 0.27
CA GLY D 54 7.58 -3.87 0.43
C GLY D 54 6.91 -3.98 1.80
N GLY D 55 7.18 -3.03 2.69
CA GLY D 55 6.52 -2.94 3.99
C GLY D 55 5.19 -2.24 3.87
N VAL D 56 4.24 -2.61 4.74
CA VAL D 56 2.97 -1.92 4.88
C VAL D 56 2.87 -1.33 6.27
N PHE D 57 2.69 -0.02 6.32
CA PHE D 57 2.70 0.72 7.57
C PHE D 57 1.34 1.42 7.79
N PHE D 58 0.75 1.19 8.95
CA PHE D 58 -0.52 1.76 9.32
C PHE D 58 -0.31 2.91 10.30
N LEU D 59 -1.14 3.92 10.15
CA LEU D 59 -1.03 5.16 10.92
C LEU D 59 -2.42 5.56 11.35
N THR D 60 -2.51 6.34 12.42
CA THR D 60 -3.76 6.92 12.85
C THR D 60 -3.66 8.41 12.71
N VAL D 61 -4.78 9.05 12.41
CA VAL D 61 -4.87 10.50 12.29
C VAL D 61 -6.01 10.97 13.19
N HIS D 62 -5.71 11.84 14.14
CA HIS D 62 -6.74 12.46 14.96
C HIS D 62 -6.71 13.97 14.73
N PHE D 63 -7.85 14.53 14.36
CA PHE D 63 -7.95 15.94 14.05
C PHE D 63 -8.39 16.67 15.30
N PRO D 64 -7.75 17.79 15.62
CA PRO D 64 -8.22 18.54 16.77
C PRO D 64 -9.50 19.33 16.44
N THR D 65 -10.26 19.66 17.48
CA THR D 65 -11.53 20.39 17.33
C THR D 65 -11.38 21.76 16.63
N ASP D 66 -10.26 22.44 16.82
CA ASP D 66 -10.03 23.71 16.13
C ASP D 66 -9.15 23.56 14.88
N TYR D 67 -9.20 22.39 14.27
CA TYR D 67 -8.54 22.17 12.97
C TYR D 67 -9.16 23.16 11.98
N PRO D 68 -8.35 23.75 11.08
CA PRO D 68 -6.95 23.58 10.76
C PRO D 68 -5.99 24.57 11.42
N PHE D 69 -6.39 25.20 12.53
CA PHE D 69 -5.51 26.15 13.19
C PHE D 69 -4.43 25.43 14.02
N LYS D 70 -4.68 24.15 14.31
CA LYS D 70 -3.69 23.27 14.93
C LYS D 70 -3.45 22.09 13.98
N PRO D 71 -2.31 21.39 14.12
CA PRO D 71 -2.07 20.25 13.24
C PRO D 71 -2.85 18.99 13.59
N PRO D 72 -3.01 18.08 12.61
CA PRO D 72 -3.48 16.77 12.98
C PRO D 72 -2.44 16.04 13.81
N LYS D 73 -2.89 15.17 14.70
CA LYS D 73 -2.01 14.26 15.42
C LYS D 73 -1.91 12.99 14.60
N ILE D 74 -0.71 12.67 14.15
CA ILE D 74 -0.51 11.51 13.28
C ILE D 74 0.58 10.64 13.91
N ALA D 75 0.33 9.34 14.03
CA ALA D 75 1.31 8.41 14.59
C ALA D 75 1.30 7.07 13.89
N PHE D 76 2.42 6.37 13.95
CA PHE D 76 2.52 4.99 13.45
C PHE D 76 1.93 3.99 14.41
N THR D 77 1.15 3.08 13.87
CA THR D 77 0.74 1.93 14.65
C THR D 77 1.67 0.76 14.30
N THR D 78 2.33 0.77 13.15
CA THR D 78 3.26 -0.29 12.78
C THR D 78 4.66 0.04 13.31
N LYS D 79 5.33 -0.92 13.93
CA LYS D 79 6.71 -0.77 14.41
C LYS D 79 7.66 -0.48 13.22
N ILE D 80 8.56 0.47 13.38
CA ILE D 80 9.51 0.86 12.32
C ILE D 80 10.85 1.34 12.90
N TYR D 81 11.93 1.01 12.20
CA TYR D 81 13.29 1.40 12.58
C TYR D 81 13.63 2.65 11.81
N HIS D 82 13.68 3.77 12.53
CA HIS D 82 13.81 5.11 11.96
C HIS D 82 14.23 6.12 13.06
N PRO D 83 15.16 7.02 12.75
CA PRO D 83 15.60 7.99 13.78
C PRO D 83 14.58 9.05 14.17
N ASN D 84 13.53 9.21 13.37
CA ASN D 84 12.49 10.22 13.57
C ASN D 84 11.15 9.65 13.99
N ILE D 85 11.11 8.36 14.29
CA ILE D 85 9.89 7.65 14.67
C ILE D 85 10.22 6.65 15.78
N ASN D 86 9.59 6.81 16.95
CA ASN D 86 9.94 5.98 18.10
C ASN D 86 8.99 4.78 18.31
N SER D 87 9.21 4.03 19.38
CA SER D 87 8.45 2.81 19.66
C SER D 87 6.97 3.05 19.97
N ASN D 88 6.60 4.27 20.34
CA ASN D 88 5.20 4.63 20.47
C ASN D 88 4.57 5.05 19.13
N GLY D 89 5.36 5.11 18.07
CA GLY D 89 4.89 5.56 16.78
C GLY D 89 4.83 7.06 16.65
N SER D 90 5.38 7.79 17.61
CA SER D 90 5.43 9.24 17.50
C SER D 90 6.36 9.68 16.33
N ILE D 91 5.96 10.71 15.60
CA ILE D 91 6.69 11.14 14.39
C ILE D 91 7.30 12.51 14.60
N CYS D 92 8.62 12.58 14.46
CA CYS D 92 9.34 13.82 14.62
C CYS D 92 9.44 14.51 13.27
N LEU D 93 8.54 15.46 13.03
CA LEU D 93 8.39 16.18 11.75
C LEU D 93 7.95 17.62 12.04
N ASP D 94 8.65 18.59 11.49
CA ASP D 94 8.39 19.99 11.85
C ASP D 94 6.97 20.47 11.50
N ILE D 95 6.41 19.94 10.42
CA ILE D 95 5.06 20.35 10.03
C ILE D 95 3.97 19.67 10.89
N LEU D 96 4.36 18.74 11.77
CA LEU D 96 3.42 18.22 12.78
C LEU D 96 3.51 18.92 14.11
N ARG D 97 4.41 19.89 14.22
CA ARG D 97 4.52 20.71 15.41
C ARG D 97 4.41 22.15 14.94
N SER D 98 5.39 23.01 15.25
CA SER D 98 5.21 24.45 15.09
C SER D 98 5.28 25.00 13.67
N GLN D 99 5.75 24.20 12.71
CA GLN D 99 5.74 24.61 11.30
C GLN D 99 4.49 24.14 10.56
N TRP D 100 3.50 23.63 11.29
CA TRP D 100 2.17 23.43 10.73
C TRP D 100 1.63 24.72 10.16
N SER D 101 0.88 24.59 9.07
CA SER D 101 0.21 25.70 8.45
C SER D 101 -1.15 25.21 7.99
N PRO D 102 -2.22 26.01 8.14
CA PRO D 102 -3.49 25.57 7.59
C PRO D 102 -3.49 25.41 6.05
N ALA D 103 -2.51 25.98 5.36
CA ALA D 103 -2.34 25.73 3.93
C ALA D 103 -1.92 24.31 3.60
N LEU D 104 -1.40 23.59 4.59
CA LEU D 104 -1.11 22.16 4.41
C LEU D 104 -2.35 21.29 4.63
N THR D 105 -2.26 20.08 4.10
CA THR D 105 -3.27 19.03 4.22
C THR D 105 -2.65 17.74 4.74
N VAL D 106 -3.50 16.84 5.25
CA VAL D 106 -3.07 15.47 5.58
C VAL D 106 -2.35 14.79 4.39
N SER D 107 -2.86 14.97 3.19
CA SER D 107 -2.22 14.46 1.98
C SER D 107 -0.77 14.94 1.91
N LYS D 108 -0.53 16.23 2.09
CA LYS D 108 0.83 16.79 2.08
C LYS D 108 1.67 16.24 3.20
N VAL D 109 1.08 16.01 4.37
CA VAL D 109 1.80 15.43 5.48
C VAL D 109 2.22 14.00 5.17
N LEU D 110 1.33 13.23 4.56
CA LEU D 110 1.65 11.85 4.14
C LEU D 110 2.78 11.82 3.12
N LEU D 111 2.77 12.74 2.16
CA LEU D 111 3.90 12.89 1.21
C LEU D 111 5.23 13.20 1.90
N SER D 112 5.16 14.07 2.91
CA SER D 112 6.33 14.47 3.64
C SER D 112 6.85 13.31 4.52
N ILE D 113 5.94 12.50 5.07
CA ILE D 113 6.34 11.30 5.78
C ILE D 113 7.02 10.27 4.86
N CYS D 114 6.51 10.12 3.63
CA CYS D 114 7.14 9.24 2.64
C CYS D 114 8.52 9.73 2.29
N SER D 115 8.68 11.03 2.24
CA SER D 115 9.98 11.60 1.98
C SER D 115 10.96 11.36 3.15
N LEU D 116 10.45 11.39 4.37
CA LEU D 116 11.25 11.14 5.56
C LEU D 116 11.68 9.67 5.61
N LEU D 117 10.81 8.77 5.19
CA LEU D 117 11.17 7.37 5.07
C LEU D 117 12.30 7.17 4.06
N CYS D 118 12.26 7.91 2.97
CA CYS D 118 13.32 7.86 1.95
C CYS D 118 14.63 8.52 2.40
N ASP D 119 14.51 9.64 3.12
CA ASP D 119 15.67 10.45 3.50
C ASP D 119 15.46 10.90 4.93
N PRO D 120 15.88 10.06 5.90
CA PRO D 120 15.67 10.40 7.31
C PRO D 120 16.41 11.67 7.73
N ASN D 121 15.94 12.29 8.79
CA ASN D 121 16.51 13.55 9.28
C ASN D 121 17.30 13.35 10.59
N PRO D 122 18.59 13.01 10.50
CA PRO D 122 19.34 12.63 11.70
C PRO D 122 19.59 13.79 12.68
N ASP D 123 19.49 15.04 12.21
CA ASP D 123 19.66 16.22 13.06
C ASP D 123 18.39 16.57 13.87
N ASP D 124 17.35 15.74 13.81
CA ASP D 124 16.14 15.91 14.63
C ASP D 124 15.86 14.55 15.32
N PRO D 125 16.85 14.08 16.13
CA PRO D 125 16.93 12.67 16.52
C PRO D 125 15.99 12.24 17.66
N LEU D 126 14.77 11.86 17.30
CA LEU D 126 13.81 11.31 18.24
C LEU D 126 14.30 10.00 18.88
N VAL D 127 15.05 9.21 18.12
CA VAL D 127 15.67 7.97 18.60
C VAL D 127 17.19 8.11 18.42
N PRO D 128 17.88 8.68 19.45
CA PRO D 128 19.31 8.97 19.34
C PRO D 128 20.19 7.81 18.88
N ASP D 129 20.00 6.64 19.48
CA ASP D 129 20.82 5.48 19.14
C ASP D 129 20.72 5.14 17.64
N ILE D 130 19.50 5.21 17.11
CA ILE D 130 19.28 4.97 15.67
C ILE D 130 19.89 6.09 14.82
N ALA D 131 19.68 7.35 15.25
CA ALA D 131 20.23 8.50 14.55
C ALA D 131 21.75 8.41 14.44
N GLN D 132 22.40 7.97 15.50
CA GLN D 132 23.86 7.86 15.51
C GLN D 132 24.32 6.83 14.49
N ILE D 133 23.62 5.69 14.43
CA ILE D 133 23.92 4.64 13.45
C ILE D 133 23.75 5.16 12.02
N TYR D 134 22.66 5.89 11.77
CA TYR D 134 22.39 6.46 10.46
C TYR D 134 23.58 7.29 9.98
N LYS D 135 24.09 8.15 10.85
CA LYS D 135 25.24 9.00 10.55
C LYS D 135 26.55 8.22 10.41
N SER D 136 26.77 7.23 11.27
CA SER D 136 28.05 6.52 11.35
C SER D 136 28.17 5.36 10.36
N ASP D 137 27.09 4.60 10.21
CA ASP D 137 27.11 3.33 9.50
C ASP D 137 25.80 3.11 8.76
N LYS D 138 25.70 3.75 7.59
CA LYS D 138 24.47 3.75 6.81
C LYS D 138 24.11 2.36 6.29
N GLU D 139 25.13 1.54 5.99
CA GLU D 139 24.90 0.17 5.54
C GLU D 139 24.23 -0.63 6.64
N LYS D 140 24.74 -0.48 7.87
CA LYS D 140 24.16 -1.13 9.04
C LYS D 140 22.76 -0.59 9.33
N TYR D 141 22.58 0.72 9.21
CA TYR D 141 21.26 1.32 9.36
C TYR D 141 20.27 0.69 8.38
N ASN D 142 20.61 0.73 7.09
CA ASN D 142 19.77 0.15 6.05
C ASN D 142 19.48 -1.32 6.33
N ARG D 143 20.49 -2.05 6.79
CA ARG D 143 20.32 -3.45 7.11
C ARG D 143 19.25 -3.64 8.20
N HIS D 144 19.38 -2.87 9.28
CA HIS D 144 18.40 -2.92 10.37
C HIS D 144 17.01 -2.49 9.93
N ALA D 145 16.94 -1.45 9.09
CA ALA D 145 15.65 -0.95 8.59
C ALA D 145 14.93 -2.01 7.75
N ARG D 146 15.64 -2.68 6.85
CA ARG D 146 15.08 -3.83 6.09
C ARG D 146 14.62 -5.00 6.98
N GLU D 147 15.45 -5.38 7.94
CA GLU D 147 15.13 -6.47 8.88
C GLU D 147 13.85 -6.20 9.67
N TRP D 148 13.71 -5.00 10.23
CA TRP D 148 12.50 -4.61 10.92
C TRP D 148 11.30 -4.51 9.97
N THR D 149 11.52 -4.05 8.74
CA THR D 149 10.44 -4.03 7.75
C THR D 149 9.92 -5.45 7.54
N GLN D 150 10.82 -6.42 7.39
CA GLN D 150 10.43 -7.80 7.17
C GLN D 150 9.74 -8.38 8.40
N LYS D 151 10.25 -8.05 9.58
CA LYS D 151 9.72 -8.60 10.82
C LYS D 151 8.34 -8.06 11.19
N TYR D 152 8.18 -6.75 11.09
CA TYR D 152 7.01 -6.08 11.66
C TYR D 152 6.01 -5.53 10.64
N ALA D 153 6.43 -5.37 9.38
CA ALA D 153 5.64 -4.67 8.37
C ALA D 153 5.35 -5.51 7.12
N MET D 154 5.70 -6.79 7.12
CA MET D 154 5.42 -7.67 6.00
C MET D 154 4.61 -8.88 6.46
N1 V3L E . 22.71 -37.48 -2.42
C2 V3L E . 21.89 -37.96 -3.39
N3 V3L E . 20.92 -38.84 -3.11
C4 V3L E . 20.73 -39.29 -1.84
C5 V3L E . 21.53 -38.86 -0.81
C6 V3L E . 22.59 -37.90 -1.14
N6 V3L E . 23.38 -37.44 -0.16
N7 V3L E . 21.12 -39.44 0.34
C8 V3L E . 20.08 -40.24 0.02
N9 V3L E . 19.84 -40.12 -1.31
P V3L E . 18.12 -43.14 2.18
PB V3L E . 23.51 -47.77 -3.67
C10 V3L E . 21.43 -43.20 -3.13
C1' V3L E . 18.84 -40.86 -2.09
OP3 V3L E . 19.56 -43.16 2.57
O1B V3L E . 22.98 -47.73 -2.25
C12 V3L E . 22.34 -43.11 -4.35
O12 V3L E . 22.55 -41.76 -4.81
C2' V3L E . 19.36 -42.30 -2.22
O2' V3L E . 20.25 -42.43 -3.33
OP1 V3L E . 17.39 -41.93 2.67
O2B V3L E . 23.08 -48.96 -4.48
C13 V3L E . 21.66 -44.04 -5.35
O13 V3L E . 20.71 -43.37 -6.20
C3' V3L E . 18.09 -43.11 -2.33
O3' V3L E . 17.70 -43.23 -3.70
OP2 V3L E . 17.41 -44.44 2.41
O3B V3L E . 24.98 -47.47 -3.80
C14 V3L E . 20.89 -45.04 -4.46
O14 V3L E . 21.08 -44.59 -3.10
C4' V3L E . 17.09 -42.30 -1.54
O4' V3L E . 17.57 -40.95 -1.44
C15 V3L E . 21.39 -46.48 -4.63
O15 V3L E . 22.81 -46.55 -4.45
C5' V3L E . 16.86 -42.85 -0.13
O5' V3L E . 18.11 -42.96 0.58
ZN ZN F . 16.08 -27.94 -9.14
ZN ZN G . 8.00 -30.92 -20.32
N1 V3L H . -24.51 35.50 5.58
C2 V3L H . -23.51 36.07 6.22
N3 V3L H . -23.49 36.19 7.57
C4 V3L H . -24.55 35.72 8.30
C5 V3L H . -25.61 35.10 7.70
C6 V3L H . -25.57 35.01 6.22
N6 V3L H . -26.55 34.44 5.57
N7 V3L H . -26.49 34.73 8.64
C8 V3L H . -25.96 35.10 9.83
N9 V3L H . -24.78 35.68 9.61
P V3L H . -27.68 35.30 13.64
PB V3L H . -27.82 43.71 10.91
C10 V3L H . -25.41 39.55 10.01
C1' V3L H . -23.89 36.29 10.61
OP3 V3L H . -27.69 36.05 14.93
O1B V3L H . -28.42 44.24 9.63
C12 V3L H . -24.99 40.54 8.92
O12 V3L H . -24.27 39.90 7.86
C2' V3L H . -24.59 37.56 11.06
O2' V3L H . -24.32 38.67 10.24
OP1 V3L H . -28.75 35.65 12.66
O2B V3L H . -28.59 42.51 11.43
C13 V3L H . -24.17 41.54 9.70
O13 V3L H . -22.76 41.27 9.66
C3' V3L H . -24.10 37.75 12.48
O3' V3L H . -22.85 38.43 12.56
OP2 V3L H . -27.45 33.82 13.75
O3B V3L H . -27.52 44.79 11.86
C14 V3L H . -24.73 41.46 11.12
O14 V3L H . -25.67 40.37 11.13
C4' V3L H . -23.90 36.32 12.96
O4' V3L H . -23.71 35.51 11.80
C15 V3L H . -25.42 42.76 11.54
O15 V3L H . -26.36 43.15 10.54
C5' V3L H . -25.09 35.82 13.76
O5' V3L H . -26.30 35.88 12.98
ZN ZN I . -12.40 30.42 3.22
ZN ZN J . -0.74 36.57 8.36
#